data_4AEA
#
_entry.id   4AEA
#
_cell.length_a   86.000
_cell.length_b   86.000
_cell.length_c   37.120
_cell.angle_alpha   90.00
_cell.angle_beta   90.00
_cell.angle_gamma   120.00
#
_symmetry.space_group_name_H-M   'P 31 2 1'
#
loop_
_entity.id
_entity.type
_entity.pdbx_description
1 polymer 'LONG NEUROTOXIN 1'
2 non-polymer GLYCINE
3 non-polymer (4S)-2-METHYL-2,4-PENTANEDIOL
4 water water
#
_entity_poly.entity_id   1
_entity_poly.type   'polypeptide(L)'
_entity_poly.pdbx_seq_one_letter_code
;IRCFITPDITSKDCPNGHVCYTKTWCDAFCSIRGKRVDLGCAATCPTVKTGVDIQCCSTDNCNPFPTRKRP
;
_entity_poly.pdbx_strand_id   A,B
#
# COMPACT_ATOMS: atom_id res chain seq x y z
N ILE A 1 21.65 -5.23 5.09
CA ILE A 1 21.40 -4.92 6.54
C ILE A 1 19.91 -5.07 6.85
N ARG A 2 19.62 -5.46 8.09
CA ARG A 2 18.25 -5.55 8.59
C ARG A 2 18.02 -4.40 9.56
N CYS A 3 16.94 -3.66 9.38
CA CYS A 3 16.65 -2.48 10.20
C CYS A 3 15.17 -2.40 10.55
N PHE A 4 14.86 -1.69 11.64
CA PHE A 4 13.49 -1.31 11.92
C PHE A 4 13.07 -0.25 10.91
N ILE A 5 11.84 -0.39 10.42
CA ILE A 5 11.29 0.55 9.44
C ILE A 5 9.98 1.11 9.98
N THR A 6 9.85 2.44 9.91
CA THR A 6 8.57 3.09 10.13
C THR A 6 8.04 3.48 8.75
N PRO A 7 7.21 2.62 8.13
CA PRO A 7 6.74 2.91 6.78
C PRO A 7 5.81 4.12 6.80
N ASP A 8 5.81 4.89 5.71
CA ASP A 8 4.94 6.04 5.61
C ASP A 8 3.48 5.63 5.68
N ILE A 9 2.68 6.46 6.35
CA ILE A 9 1.23 6.31 6.30
C ILE A 9 0.82 6.64 4.88
N THR A 10 0.12 5.70 4.25
CA THR A 10 -0.43 5.94 2.92
C THR A 10 -1.82 5.30 2.78
N SER A 11 -2.49 5.61 1.68
CA SER A 11 -3.77 5.02 1.38
C SER A 11 -3.58 3.78 0.49
N LYS A 12 -4.27 2.70 0.84
CA LYS A 12 -4.15 1.44 0.11
C LYS A 12 -5.51 0.86 -0.19
N ASP A 13 -5.62 0.19 -1.34
CA ASP A 13 -6.81 -0.56 -1.70
C ASP A 13 -6.86 -1.87 -0.91
N CYS A 14 -7.97 -2.06 -0.20
CA CYS A 14 -8.27 -3.33 0.45
C CYS A 14 -9.47 -3.90 -0.28
N PRO A 15 -9.22 -4.75 -1.30
CA PRO A 15 -10.28 -5.21 -2.21
C PRO A 15 -11.43 -5.95 -1.53
N ASN A 16 -11.13 -6.65 -0.44
CA ASN A 16 -12.13 -7.42 0.30
C ASN A 16 -12.75 -6.60 1.45
N GLY A 17 -12.26 -5.39 1.64
CA GLY A 17 -12.68 -4.55 2.77
C GLY A 17 -13.94 -3.74 2.50
N HIS A 18 -14.67 -3.45 3.58
CA HIS A 18 -15.91 -2.67 3.48
C HIS A 18 -15.95 -1.50 4.48
N VAL A 19 -14.99 -1.46 5.39
CA VAL A 19 -14.84 -0.34 6.32
C VAL A 19 -13.38 0.09 6.47
N CYS A 20 -13.18 1.36 6.78
CA CYS A 20 -11.90 1.85 7.27
C CYS A 20 -12.07 2.02 8.77
N TYR A 21 -10.99 1.90 9.52
CA TYR A 21 -11.07 2.09 10.96
C TYR A 21 -9.96 2.95 11.56
N THR A 22 -10.27 3.50 12.73
CA THR A 22 -9.32 4.25 13.53
C THR A 22 -9.40 3.72 14.95
N LYS A 23 -8.36 3.01 15.38
CA LYS A 23 -8.24 2.56 16.75
C LYS A 23 -7.46 3.59 17.54
N THR A 24 -7.94 3.91 18.74
CA THR A 24 -7.25 4.81 19.65
C THR A 24 -7.18 4.22 21.05
N TRP A 25 -6.06 4.43 21.72
CA TRP A 25 -5.85 3.96 23.08
C TRP A 25 -4.82 4.83 23.79
N CYS A 26 -4.84 4.77 25.12
CA CYS A 26 -3.89 5.53 25.93
C CYS A 26 -2.66 4.70 26.28
N ASP A 27 -1.48 5.25 26.01
CA ASP A 27 -0.22 4.70 26.50
C ASP A 27 0.16 5.42 27.80
N ALA A 28 1.37 5.17 28.29
CA ALA A 28 1.86 5.74 29.55
C ALA A 28 1.65 7.26 29.68
N PHE A 29 1.99 7.98 28.62
CA PHE A 29 1.95 9.45 28.63
C PHE A 29 0.77 10.01 27.83
N CYS A 30 -0.41 9.42 28.03
CA CYS A 30 -1.61 9.81 27.29
C CYS A 30 -2.16 11.18 27.69
N SER A 31 -1.84 11.61 28.91
CA SER A 31 -2.31 12.88 29.46
C SER A 31 -1.75 14.08 28.69
N ILE A 32 -0.47 14.01 28.33
CA ILE A 32 0.23 15.11 27.67
C ILE A 32 0.39 14.94 26.16
N ARG A 33 0.50 13.69 25.70
CA ARG A 33 0.77 13.42 24.29
C ARG A 33 -0.48 13.07 23.48
N GLY A 34 -1.54 12.68 24.18
CA GLY A 34 -2.78 12.26 23.52
C GLY A 34 -2.77 10.77 23.20
N LYS A 35 -3.91 10.26 22.74
CA LYS A 35 -4.07 8.84 22.45
C LYS A 35 -3.22 8.37 21.27
N ARG A 36 -2.79 7.10 21.33
CA ARG A 36 -2.11 6.47 20.20
C ARG A 36 -3.13 6.13 19.12
N VAL A 37 -2.66 6.05 17.87
CA VAL A 37 -3.57 5.85 16.73
C VAL A 37 -3.12 4.73 15.81
N ASP A 38 -4.06 3.85 15.48
CA ASP A 38 -3.85 2.81 14.47
C ASP A 38 -4.93 2.91 13.39
N LEU A 39 -4.52 3.03 12.14
CA LEU A 39 -5.44 3.16 11.01
C LEU A 39 -5.37 1.92 10.12
N GLY A 40 -6.53 1.45 9.69
CA GLY A 40 -6.58 0.27 8.84
C GLY A 40 -7.87 0.07 8.08
N CYS A 41 -8.01 -1.13 7.54
CA CYS A 41 -9.17 -1.52 6.77
C CYS A 41 -9.57 -2.93 7.19
N ALA A 42 -10.84 -3.28 7.00
CA ALA A 42 -11.33 -4.61 7.33
C ALA A 42 -12.64 -4.90 6.61
N ALA A 43 -13.00 -6.18 6.54
CA ALA A 43 -14.28 -6.61 5.97
C ALA A 43 -15.46 -6.13 6.81
N THR A 44 -15.34 -6.28 8.13
CA THR A 44 -16.29 -5.74 9.09
C THR A 44 -15.52 -4.99 10.16
N CYS A 45 -16.20 -4.11 10.89
CA CYS A 45 -15.55 -3.38 11.97
C CYS A 45 -15.02 -4.36 13.02
N PRO A 46 -13.69 -4.39 13.22
CA PRO A 46 -13.12 -5.40 14.11
C PRO A 46 -13.39 -5.15 15.59
N THR A 47 -13.54 -6.23 16.35
CA THR A 47 -13.60 -6.16 17.80
C THR A 47 -12.20 -5.81 18.30
N VAL A 48 -12.14 -5.02 19.36
CA VAL A 48 -10.85 -4.51 19.82
C VAL A 48 -10.48 -5.00 21.21
N LYS A 49 -9.19 -4.88 21.53
CA LYS A 49 -8.69 -5.24 22.85
C LYS A 49 -9.19 -4.27 23.91
N THR A 50 -8.99 -4.64 25.18
CA THR A 50 -9.37 -3.79 26.32
C THR A 50 -8.63 -2.46 26.28
N GLY A 51 -9.33 -1.38 26.64
CA GLY A 51 -8.77 -0.03 26.64
C GLY A 51 -8.64 0.62 25.27
N VAL A 52 -9.12 -0.06 24.24
CA VAL A 52 -9.08 0.45 22.87
C VAL A 52 -10.46 0.89 22.40
N ASP A 53 -10.55 2.09 21.84
CA ASP A 53 -11.75 2.55 21.14
C ASP A 53 -11.55 2.37 19.64
N ILE A 54 -12.63 2.10 18.93
CA ILE A 54 -12.56 2.00 17.48
C ILE A 54 -13.71 2.78 16.81
N GLN A 55 -13.37 3.50 15.75
CA GLN A 55 -14.35 4.18 14.92
C GLN A 55 -14.25 3.60 13.52
N CYS A 56 -15.38 3.12 13.00
CA CYS A 56 -15.42 2.57 11.65
C CYS A 56 -16.28 3.42 10.74
N CYS A 57 -15.91 3.45 9.46
CA CYS A 57 -16.61 4.27 8.46
C CYS A 57 -16.54 3.61 7.09
N SER A 58 -17.41 4.02 6.16
CA SER A 58 -17.60 3.26 4.91
C SER A 58 -17.40 4.03 3.60
N THR A 59 -16.70 5.17 3.65
CA THR A 59 -16.25 5.84 2.43
C THR A 59 -14.73 5.75 2.31
N ASP A 60 -14.21 5.79 1.08
CA ASP A 60 -12.75 5.71 0.87
C ASP A 60 -12.02 6.78 1.68
N ASN A 61 -10.94 6.39 2.36
CA ASN A 61 -10.09 7.31 3.11
C ASN A 61 -10.85 8.14 4.16
N CYS A 62 -11.85 7.52 4.77
CA CYS A 62 -12.65 8.17 5.81
C CYS A 62 -11.95 8.13 7.17
N ASN A 63 -10.76 7.53 7.21
CA ASN A 63 -9.99 7.40 8.45
C ASN A 63 -8.65 8.16 8.43
N PRO A 64 -8.69 9.50 8.23
CA PRO A 64 -7.43 10.22 8.34
C PRO A 64 -6.91 10.23 9.78
N PHE A 65 -5.63 10.56 9.96
CA PHE A 65 -5.07 10.71 11.29
C PHE A 65 -5.83 11.82 12.02
N PRO A 66 -6.34 11.54 13.24
CA PRO A 66 -7.14 12.51 13.98
C PRO A 66 -6.40 13.82 14.27
N THR A 67 -7.12 14.94 14.16
CA THR A 67 -6.59 16.25 14.47
C THR A 67 -7.13 16.74 15.83
N ILE B 1 9.11 -14.92 14.27
CA ILE B 1 10.00 -15.56 13.26
C ILE B 1 10.27 -14.63 12.08
N ARG B 2 11.47 -14.71 11.52
CA ARG B 2 11.79 -13.98 10.29
C ARG B 2 11.61 -14.88 9.07
N CYS B 3 10.88 -14.40 8.07
CA CYS B 3 10.60 -15.19 6.87
C CYS B 3 10.71 -14.39 5.60
N PHE B 4 10.91 -15.09 4.48
CA PHE B 4 10.73 -14.51 3.15
C PHE B 4 9.25 -14.35 2.87
N ILE B 5 8.89 -13.22 2.28
CA ILE B 5 7.49 -12.88 2.00
C ILE B 5 7.36 -12.46 0.54
N THR B 6 6.35 -13.01 -0.14
CA THR B 6 5.95 -12.52 -1.45
C THR B 6 4.66 -11.73 -1.26
N PRO B 7 4.78 -10.39 -1.12
CA PRO B 7 3.60 -9.55 -0.88
C PRO B 7 2.64 -9.55 -2.06
N ASP B 8 1.37 -9.27 -1.79
CA ASP B 8 0.35 -9.23 -2.84
C ASP B 8 0.49 -7.98 -3.70
N ILE B 9 0.09 -8.10 -4.97
CA ILE B 9 -0.08 -6.94 -5.84
C ILE B 9 -1.14 -6.03 -5.21
N THR B 10 -0.83 -4.75 -5.08
CA THR B 10 -1.74 -3.80 -4.43
C THR B 10 -1.88 -2.48 -5.20
N SER B 11 -3.01 -1.82 -5.00
CA SER B 11 -3.20 -0.45 -5.49
C SER B 11 -3.02 0.50 -4.30
N LYS B 12 -2.14 1.48 -4.45
CA LYS B 12 -1.84 2.41 -3.36
C LYS B 12 -1.52 3.83 -3.85
N ASP B 13 -1.67 4.80 -2.94
CA ASP B 13 -1.31 6.18 -3.23
C ASP B 13 0.19 6.37 -3.17
N CYS B 14 0.73 7.02 -4.20
CA CYS B 14 2.10 7.50 -4.22
C CYS B 14 2.02 9.04 -4.25
N PRO B 15 2.10 9.67 -3.07
CA PRO B 15 1.87 11.11 -2.93
C PRO B 15 2.82 12.00 -3.75
N ASN B 16 4.03 11.50 -4.00
CA ASN B 16 5.01 12.26 -4.77
C ASN B 16 5.09 11.83 -6.25
N GLY B 17 4.37 10.75 -6.58
CA GLY B 17 4.36 10.21 -7.94
C GLY B 17 3.41 10.94 -8.87
N HIS B 18 3.77 10.97 -10.16
CA HIS B 18 2.92 11.55 -11.20
C HIS B 18 2.62 10.56 -12.33
N VAL B 19 3.33 9.43 -12.32
CA VAL B 19 3.09 8.36 -13.30
C VAL B 19 2.94 6.97 -12.66
N CYS B 20 2.19 6.12 -13.34
CA CYS B 20 2.22 4.68 -13.08
C CYS B 20 2.99 4.05 -14.21
N TYR B 21 3.67 2.94 -13.95
CA TYR B 21 4.41 2.26 -15.01
C TYR B 21 4.24 0.74 -15.03
N THR B 22 4.51 0.16 -16.20
CA THR B 22 4.56 -1.27 -16.39
C THR B 22 5.91 -1.59 -17.03
N LYS B 23 6.78 -2.26 -16.27
CA LYS B 23 8.06 -2.73 -16.77
C LYS B 23 7.99 -4.22 -17.10
N THR B 24 8.44 -4.56 -18.30
CA THR B 24 8.49 -5.96 -18.74
C THR B 24 9.85 -6.29 -19.34
N TRP B 25 10.30 -7.53 -19.10
CA TRP B 25 11.57 -8.01 -19.63
C TRP B 25 11.56 -9.53 -19.78
N CYS B 26 12.45 -10.05 -20.62
CA CYS B 26 12.56 -11.47 -20.86
C CYS B 26 13.62 -12.14 -20.00
N ASP B 27 13.24 -13.20 -19.30
CA ASP B 27 14.18 -14.05 -18.57
C ASP B 27 14.40 -15.35 -19.35
N ALA B 28 14.91 -16.37 -18.67
CA ALA B 28 15.11 -17.70 -19.26
C ALA B 28 13.76 -18.32 -19.66
N PHE B 29 13.72 -18.86 -20.88
CA PHE B 29 12.49 -19.40 -21.47
C PHE B 29 11.36 -18.37 -21.45
N CYS B 30 11.61 -17.22 -22.08
CA CYS B 30 10.65 -16.13 -22.12
C CYS B 30 9.55 -16.39 -23.16
N SER B 31 9.90 -17.13 -24.21
CA SER B 31 8.93 -17.54 -25.23
C SER B 31 8.04 -18.68 -24.71
N ILE B 32 8.45 -19.28 -23.60
CA ILE B 32 7.71 -20.35 -22.95
C ILE B 32 6.86 -19.83 -21.78
N ARG B 33 7.47 -19.03 -20.90
CA ARG B 33 6.83 -18.55 -19.67
C ARG B 33 6.19 -17.17 -19.79
N GLY B 34 6.56 -16.42 -20.82
CA GLY B 34 6.11 -15.04 -20.98
C GLY B 34 7.06 -14.06 -20.31
N LYS B 35 6.89 -12.77 -20.62
CA LYS B 35 7.71 -11.71 -20.05
C LYS B 35 7.42 -11.51 -18.55
N ARG B 36 8.45 -11.14 -17.80
CA ARG B 36 8.29 -10.77 -16.39
C ARG B 36 7.65 -9.40 -16.31
N VAL B 37 6.93 -9.14 -15.21
CA VAL B 37 6.19 -7.88 -15.06
C VAL B 37 6.52 -7.20 -13.73
N ASP B 38 6.78 -5.89 -13.80
CA ASP B 38 6.93 -5.06 -12.61
C ASP B 38 6.06 -3.81 -12.72
N LEU B 39 5.17 -3.64 -11.75
CA LEU B 39 4.27 -2.49 -11.70
C LEU B 39 4.68 -1.54 -10.58
N GLY B 40 4.62 -0.24 -10.86
CA GLY B 40 5.03 0.75 -9.87
C GLY B 40 4.60 2.18 -10.17
N CYS B 41 5.11 3.11 -9.37
CA CYS B 41 4.83 4.53 -9.51
C CYS B 41 6.12 5.34 -9.45
N ALA B 42 6.08 6.56 -9.97
CA ALA B 42 7.24 7.46 -9.98
C ALA B 42 6.85 8.91 -10.18
N ALA B 43 7.74 9.82 -9.77
CA ALA B 43 7.53 11.26 -9.97
C ALA B 43 7.60 11.61 -11.46
N THR B 44 8.51 10.96 -12.17
CA THR B 44 8.63 11.09 -13.62
C THR B 44 8.81 9.69 -14.21
N CYS B 45 8.35 9.49 -15.45
CA CYS B 45 8.51 8.21 -16.13
C CYS B 45 9.98 7.78 -16.20
N PRO B 46 10.30 6.59 -15.68
CA PRO B 46 11.68 6.12 -15.63
C PRO B 46 12.25 5.73 -17.00
N THR B 47 13.47 6.21 -17.26
CA THR B 47 14.31 5.69 -18.34
C THR B 47 14.87 4.35 -17.83
N VAL B 48 14.70 3.29 -18.61
CA VAL B 48 15.12 1.94 -18.20
C VAL B 48 16.34 1.41 -18.97
N LYS B 49 16.88 0.28 -18.49
CA LYS B 49 18.03 -0.36 -19.12
C LYS B 49 17.65 -1.12 -20.40
N THR B 50 18.67 -1.61 -21.11
CA THR B 50 18.50 -2.39 -22.33
C THR B 50 17.70 -3.67 -22.07
N GLY B 51 16.82 -4.02 -23.00
CA GLY B 51 16.01 -5.24 -22.88
C GLY B 51 14.82 -5.10 -21.95
N VAL B 52 14.61 -3.89 -21.43
CA VAL B 52 13.47 -3.61 -20.57
C VAL B 52 12.47 -2.69 -21.29
N ASP B 53 11.24 -3.17 -21.44
CA ASP B 53 10.15 -2.39 -22.01
C ASP B 53 9.40 -1.71 -20.87
N ILE B 54 9.37 -0.39 -20.88
CA ILE B 54 8.58 0.38 -19.92
C ILE B 54 7.47 1.18 -20.59
N GLN B 55 6.26 1.09 -20.04
CA GLN B 55 5.13 1.90 -20.47
C GLN B 55 4.58 2.69 -19.31
N CYS B 56 4.64 4.01 -19.42
CA CYS B 56 4.12 4.90 -18.38
C CYS B 56 2.76 5.48 -18.76
N CYS B 57 1.95 5.75 -17.74
CA CYS B 57 0.64 6.39 -17.94
C CYS B 57 0.35 7.32 -16.77
N SER B 58 -0.56 8.28 -16.98
CA SER B 58 -0.71 9.42 -16.07
C SER B 58 -2.04 9.50 -15.32
N THR B 59 -2.84 8.45 -15.37
CA THR B 59 -4.12 8.42 -14.64
C THR B 59 -4.10 7.35 -13.55
N ASP B 60 -4.89 7.55 -12.49
CA ASP B 60 -4.91 6.61 -11.37
C ASP B 60 -5.23 5.19 -11.83
N ASN B 61 -4.38 4.25 -11.40
CA ASN B 61 -4.59 2.82 -11.62
C ASN B 61 -4.62 2.41 -13.10
N CYS B 62 -3.81 3.11 -13.90
CA CYS B 62 -3.74 2.88 -15.33
C CYS B 62 -2.77 1.75 -15.70
N ASN B 63 -2.11 1.14 -14.72
CA ASN B 63 -1.16 0.06 -14.95
C ASN B 63 -1.58 -1.31 -14.39
N PRO B 64 -2.76 -1.83 -14.79
CA PRO B 64 -3.13 -3.14 -14.24
C PRO B 64 -2.20 -4.24 -14.74
N PHE B 65 -2.14 -5.36 -14.03
CA PHE B 65 -1.33 -6.51 -14.46
C PHE B 65 -1.81 -6.98 -15.84
N PRO B 66 -0.88 -7.17 -16.80
CA PRO B 66 -1.16 -7.56 -18.19
C PRO B 66 -1.98 -8.85 -18.39
N THR B 67 -2.43 -9.47 -17.31
CA THR B 67 -3.37 -10.60 -17.38
C THR B 67 -4.79 -10.10 -17.12
#